data_2GFK
#
_entry.id   2GFK
#
_cell.length_a   105.350
_cell.length_b   105.350
_cell.length_c   197.080
_cell.angle_alpha   90.00
_cell.angle_beta   90.00
_cell.angle_gamma   120.00
#
_symmetry.space_group_name_H-M   'P 62 2 2'
#
loop_
_entity.id
_entity.type
_entity.pdbx_description
1 polymer 'Metallo-beta-lactamase L1'
2 non-polymer 'ZINC ION'
3 non-polymer 'SULFATE ION'
4 non-polymer '2,5-DIPHENYLFURAN-3,4-DICARBOXYLIC ACID'
5 non-polymer DI(HYDROXYETHYL)ETHER
6 water water
#
_entity_poly.entity_id   1
_entity_poly.type   'polypeptide(L)'
_entity_poly.pdbx_seq_one_letter_code
;AEVPLPQLRAYTVDASWLQPMAPLQIADHTWQIGTEDLTALLVQTPDGAVLLDGGMPQMASHLLDNMKARGVTPRDLRLI
LLSHAHADHAGPVAELKRRTGAKVAANAESAVLLARGGSDDLHFGDGITYPPANADRIVMDGEVITVGGIVFTAHFMAGH
TPGSTAWTWTDTRNGKPVRIAYADSLSAPGYQLQGNPRYPHLIEDYRRSFATVRALPCDVLLTPHPGASNWDYAAGARAG
AKALTCKAYADAAEQKFDGQLAKETAGAR
;
_entity_poly.pdbx_strand_id   A,B
#
loop_
_chem_comp.id
_chem_comp.type
_chem_comp.name
_chem_comp.formula
PEG non-polymer DI(HYDROXYETHYL)ETHER 'C4 H10 O3'
SO4 non-polymer 'SULFATE ION' 'O4 S -2'
VII non-polymer '2,5-DIPHENYLFURAN-3,4-DICARBOXYLIC ACID' 'C18 H12 O5'
ZN non-polymer 'ZINC ION' 'Zn 2'
#
# COMPACT_ATOMS: atom_id res chain seq x y z
N GLU A 2 22.30 12.80 18.42
CA GLU A 2 20.84 12.68 18.06
C GLU A 2 20.55 11.71 16.92
N VAL A 3 19.55 10.88 17.16
CA VAL A 3 19.28 9.67 16.39
C VAL A 3 17.97 9.90 15.67
N PRO A 4 17.96 9.77 14.31
CA PRO A 4 16.68 9.96 13.63
C PRO A 4 15.86 8.67 13.66
N LEU A 5 14.63 8.75 13.17
CA LEU A 5 13.80 7.58 13.09
C LEU A 5 14.38 6.70 11.99
N PRO A 6 14.20 5.37 12.09
CA PRO A 6 14.84 4.45 11.14
C PRO A 6 14.21 4.64 9.76
N GLN A 7 14.97 4.33 8.72
CA GLN A 7 14.44 4.31 7.36
C GLN A 7 13.44 3.18 7.25
N LEU A 8 12.57 3.23 6.24
CA LEU A 8 11.72 2.08 5.96
C LEU A 8 12.60 0.93 5.47
N ARG A 9 12.22 -0.28 5.86
CA ARG A 9 12.96 -1.49 5.44
C ARG A 9 12.06 -2.27 4.49
N ALA A 10 12.53 -2.52 3.28
CA ALA A 10 11.81 -3.41 2.38
C ALA A 10 12.00 -4.86 2.83
N TYR A 11 10.92 -5.64 2.76
CA TYR A 11 11.00 -7.08 3.02
C TYR A 11 11.80 -7.75 1.88
N THR A 12 12.88 -8.44 2.25
CA THR A 12 13.72 -9.16 1.27
C THR A 12 13.55 -10.65 1.40
N VAL A 13 13.70 -11.37 0.29
CA VAL A 13 13.45 -12.81 0.26
C VAL A 13 14.63 -13.54 -0.37
N ASP A 14 14.67 -14.86 -0.21
CA ASP A 14 15.70 -15.67 -0.84
C ASP A 14 15.64 -15.51 -2.35
N ALA A 15 16.80 -15.59 -2.98
CA ALA A 15 16.93 -15.43 -4.42
C ALA A 15 16.03 -16.38 -5.19
N SER A 16 15.91 -17.63 -4.72
CA SER A 16 15.05 -18.62 -5.41
C SER A 16 13.56 -18.20 -5.48
N TRP A 17 13.11 -17.37 -4.54
CA TRP A 17 11.73 -16.87 -4.56
C TRP A 17 11.52 -15.89 -5.74
N LEU A 18 12.62 -15.30 -6.22
CA LEU A 18 12.58 -14.29 -7.28
C LEU A 18 13.20 -14.83 -8.58
N GLN A 19 13.40 -16.14 -8.65
CA GLN A 19 14.12 -16.71 -9.77
C GLN A 19 13.16 -17.22 -10.85
N PRO A 20 13.10 -16.52 -11.99
CA PRO A 20 12.18 -16.93 -13.06
C PRO A 20 12.37 -18.36 -13.55
N MET A 21 11.27 -19.02 -13.93
CA MET A 21 11.34 -20.37 -14.52
C MET A 21 10.33 -20.40 -15.65
N ALA A 22 10.58 -21.26 -16.63
CA ALA A 22 9.63 -21.50 -17.73
C ALA A 22 8.35 -22.20 -17.22
N PRO A 23 7.25 -22.14 -18.00
CA PRO A 23 6.06 -22.88 -17.55
C PRO A 23 6.33 -24.39 -17.30
N LEU A 24 5.83 -24.91 -16.18
CA LEU A 24 5.99 -26.32 -15.83
C LEU A 24 4.59 -26.95 -15.81
N GLN A 25 4.36 -27.94 -16.66
CA GLN A 25 3.02 -28.51 -16.78
C GLN A 25 2.67 -29.43 -15.60
N ILE A 26 1.54 -29.16 -14.95
CA ILE A 26 1.05 -30.01 -13.84
C ILE A 26 0.05 -31.07 -14.32
N ALA A 27 -0.87 -30.66 -15.18
CA ALA A 27 -1.88 -31.56 -15.74
C ALA A 27 -2.26 -30.98 -17.10
N ASP A 28 -3.25 -31.55 -17.80
CA ASP A 28 -3.53 -31.11 -19.15
C ASP A 28 -3.78 -29.61 -19.29
N HIS A 29 -4.50 -28.99 -18.34
CA HIS A 29 -4.84 -27.56 -18.48
C HIS A 29 -4.12 -26.64 -17.46
N THR A 30 -3.25 -27.21 -16.61
CA THR A 30 -2.76 -26.50 -15.43
C THR A 30 -1.23 -26.44 -15.45
N TRP A 31 -0.67 -25.23 -15.33
CA TRP A 31 0.78 -25.01 -15.36
C TRP A 31 1.26 -24.14 -14.19
N GLN A 32 2.45 -24.46 -13.65
CA GLN A 32 3.18 -23.52 -12.78
C GLN A 32 3.94 -22.50 -13.65
N ILE A 33 3.67 -21.21 -13.45
CA ILE A 33 4.26 -20.17 -14.27
C ILE A 33 4.98 -19.09 -13.44
N GLY A 34 5.15 -19.34 -12.15
CA GLY A 34 5.80 -18.39 -11.26
C GLY A 34 7.30 -18.54 -11.23
N THR A 35 7.87 -18.42 -10.04
CA THR A 35 9.30 -18.55 -9.90
C THR A 35 9.59 -19.97 -9.40
N GLU A 36 11.13 -20.27 -9.01
CA GLU A 36 11.41 -21.60 -8.51
C GLU A 36 10.73 -21.83 -7.15
N ASP A 37 10.59 -20.78 -6.34
CA ASP A 37 10.06 -20.95 -4.99
C ASP A 37 8.77 -20.20 -4.61
N LEU A 38 8.02 -19.70 -5.60
CA LEU A 38 6.68 -19.18 -5.33
C LEU A 38 5.74 -19.68 -6.42
N THR A 39 4.63 -20.25 -5.97
CA THR A 39 3.60 -20.78 -6.86
C THR A 39 2.75 -19.71 -7.51
N ALA A 40 2.53 -19.85 -8.82
CA ALA A 40 1.52 -19.07 -9.53
C ALA A 40 0.96 -19.97 -10.64
N LEU A 41 -0.30 -20.36 -10.52
CA LEU A 41 -0.85 -21.41 -11.37
C LEU A 41 -1.72 -20.84 -12.45
N LEU A 42 -1.44 -21.22 -13.69
CA LEU A 42 -2.23 -20.81 -14.82
C LEU A 42 -3.08 -22.00 -15.26
N VAL A 43 -4.40 -21.78 -15.38
CA VAL A 43 -5.30 -22.83 -15.82
C VAL A 43 -5.91 -22.32 -17.12
N GLN A 44 -5.67 -23.05 -18.20
CA GLN A 44 -6.01 -22.60 -19.57
C GLN A 44 -7.16 -23.41 -20.12
N THR A 45 -8.17 -22.72 -20.65
CA THR A 45 -9.41 -23.36 -21.10
C THR A 45 -9.83 -22.81 -22.48
N PRO A 46 -10.80 -23.49 -23.15
CA PRO A 46 -11.30 -22.96 -24.42
C PRO A 46 -12.09 -21.66 -24.27
N ASP A 47 -12.33 -21.22 -23.03
CA ASP A 47 -13.10 -20.00 -22.80
C ASP A 47 -12.35 -19.06 -21.86
N GLY A 48 -11.02 -18.98 -22.03
CA GLY A 48 -10.16 -18.07 -21.26
C GLY A 48 -9.35 -18.76 -20.20
N ALA A 49 -8.51 -17.98 -19.51
CA ALA A 49 -7.56 -18.48 -18.55
C ALA A 49 -7.80 -17.93 -17.12
N VAL A 50 -7.32 -18.70 -16.14
CA VAL A 50 -7.46 -18.35 -14.72
C VAL A 50 -6.03 -18.36 -14.16
N LEU A 51 -5.72 -17.37 -13.32
CA LEU A 51 -4.49 -17.37 -12.53
C LEU A 51 -4.80 -17.55 -11.02
N LEU A 52 -4.14 -18.51 -10.38
CA LEU A 52 -4.29 -18.65 -8.91
C LEU A 52 -2.96 -18.22 -8.34
N ASP A 53 -2.96 -17.05 -7.67
CA ASP A 53 -1.78 -16.40 -7.08
C ASP A 53 -0.85 -15.80 -8.16
N GLY A 54 -0.14 -14.75 -7.78
CA GLY A 54 0.86 -14.13 -8.64
C GLY A 54 2.24 -14.03 -8.01
N GLY A 55 2.35 -14.33 -6.73
CA GLY A 55 3.67 -14.25 -6.10
C GLY A 55 3.97 -12.88 -5.56
N MET A 56 5.25 -12.50 -5.67
CA MET A 56 5.71 -11.23 -5.16
C MET A 56 5.31 -10.09 -6.10
N PRO A 57 5.33 -8.52 -5.59
CA PRO A 57 4.98 -7.38 -6.46
C PRO A 57 5.77 -7.36 -7.75
N GLN A 58 7.05 -7.73 -7.71
CA GLN A 58 7.91 -7.57 -8.88
C GLN A 58 7.77 -8.68 -9.96
N MET A 59 6.88 -9.66 -9.75
CA MET A 59 6.75 -10.78 -10.70
C MET A 59 5.76 -10.52 -11.86
N ALA A 60 5.07 -9.38 -11.88
CA ALA A 60 4.00 -9.16 -12.88
C ALA A 60 4.44 -9.41 -14.34
N SER A 61 5.56 -8.79 -14.76
CA SER A 61 6.00 -8.89 -16.15
C SER A 61 6.41 -10.32 -16.54
N HIS A 62 7.08 -11.01 -15.62
CA HIS A 62 7.43 -12.42 -15.79
C HIS A 62 6.17 -13.29 -15.99
N LEU A 63 5.16 -13.09 -15.14
CA LEU A 63 3.93 -13.88 -15.33
C LEU A 63 3.32 -13.67 -16.72
N LEU A 64 3.31 -12.41 -17.17
CA LEU A 64 2.77 -12.04 -18.47
C LEU A 64 3.55 -12.65 -19.63
N ASP A 65 4.88 -12.71 -19.50
CA ASP A 65 5.76 -13.41 -20.46
C ASP A 65 5.47 -14.91 -20.52
N ASN A 66 5.27 -15.54 -19.36
CA ASN A 66 4.94 -16.97 -19.32
C ASN A 66 3.55 -17.25 -19.89
N MET A 67 2.61 -16.36 -19.62
CA MET A 67 1.29 -16.46 -20.24
C MET A 67 1.40 -16.43 -21.78
N LYS A 68 2.15 -15.45 -22.31
CA LYS A 68 2.35 -15.33 -23.76
C LYS A 68 3.00 -16.60 -24.33
N ALA A 69 4.05 -17.12 -23.67
CA ALA A 69 4.65 -18.41 -24.05
C ALA A 69 3.61 -19.56 -24.12
N ARG A 70 2.55 -19.48 -23.33
CA ARG A 70 1.50 -20.50 -23.32
C ARG A 70 0.38 -20.20 -24.31
N GLY A 71 0.47 -19.06 -24.99
CA GLY A 71 -0.57 -18.61 -25.94
C GLY A 71 -1.71 -17.82 -25.33
N VAL A 72 -1.52 -17.32 -24.10
CA VAL A 72 -2.55 -16.62 -23.36
C VAL A 72 -2.24 -15.13 -23.42
N THR A 73 -3.14 -14.36 -24.04
CA THR A 73 -2.92 -12.90 -24.18
C THR A 73 -3.51 -12.20 -22.94
N PRO A 74 -3.13 -10.91 -22.72
CA PRO A 74 -3.75 -10.11 -21.65
C PRO A 74 -5.28 -10.16 -21.66
N ARG A 75 -5.88 -10.02 -22.83
CA ARG A 75 -7.34 -10.11 -22.94
C ARG A 75 -7.87 -11.48 -22.55
N ASP A 76 -7.05 -12.53 -22.73
CA ASP A 76 -7.47 -13.93 -22.47
C ASP A 76 -7.58 -14.27 -20.99
N LEU A 77 -6.85 -13.55 -20.14
CA LEU A 77 -6.93 -13.73 -18.68
C LEU A 77 -8.22 -13.14 -18.07
N ARG A 78 -9.12 -14.02 -17.65
CA ARG A 78 -10.46 -13.64 -17.16
C ARG A 78 -10.58 -13.44 -15.64
N LEU A 79 -9.76 -14.17 -14.90
CA LEU A 79 -10.01 -14.37 -13.48
C LEU A 79 -8.71 -14.57 -12.71
N ILE A 80 -8.61 -13.88 -11.57
CA ILE A 80 -7.55 -14.14 -10.58
C ILE A 80 -8.21 -14.63 -9.29
N LEU A 81 -7.71 -15.78 -8.78
CA LEU A 81 -8.07 -16.29 -7.45
C LEU A 81 -6.85 -16.25 -6.57
N LEU A 82 -7.06 -16.25 -5.24
CA LEU A 82 -5.94 -16.15 -4.30
C LEU A 82 -6.00 -17.17 -3.19
N SER A 83 -4.84 -17.63 -2.75
CA SER A 83 -4.73 -18.53 -1.59
C SER A 83 -4.93 -17.65 -0.36
N HIS A 84 -4.05 -16.67 -0.20
CA HIS A 84 -4.34 -15.58 0.77
C HIS A 84 -3.68 -14.27 0.36
N ALA A 85 -4.14 -13.17 0.94
CA ALA A 85 -3.76 -11.86 0.44
C ALA A 85 -2.52 -11.27 1.17
N HIS A 86 -1.44 -12.06 1.25
CA HIS A 86 -0.15 -11.48 1.69
C HIS A 86 0.69 -11.07 0.49
N ALA A 87 1.64 -10.16 0.72
CA ALA A 87 2.50 -9.62 -0.33
C ALA A 87 3.19 -10.65 -1.23
N ASP A 88 3.55 -11.79 -0.63
CA ASP A 88 4.33 -12.82 -1.34
C ASP A 88 3.48 -13.76 -2.22
N HIS A 89 2.15 -13.58 -2.22
CA HIS A 89 1.22 -14.34 -3.09
C HIS A 89 0.31 -13.48 -3.93
N ALA A 90 -0.08 -12.31 -3.37
CA ALA A 90 -0.96 -11.38 -4.05
C ALA A 90 -0.23 -10.12 -4.51
N GLY A 91 1.09 -10.10 -4.29
CA GLY A 91 1.91 -9.00 -4.76
C GLY A 91 1.30 -8.28 -5.95
N PRO A 92 1.35 -8.94 -7.11
CA PRO A 92 1.30 -8.23 -8.39
C PRO A 92 -0.14 -8.07 -8.89
N VAL A 93 -1.11 -8.40 -8.05
CA VAL A 93 -2.53 -8.43 -8.46
C VAL A 93 -3.01 -7.10 -9.03
N ALA A 94 -2.75 -5.99 -8.31
CA ALA A 94 -3.19 -4.66 -8.79
C ALA A 94 -2.62 -4.37 -10.19
N GLU A 95 -1.33 -4.60 -10.38
CA GLU A 95 -0.69 -4.40 -11.70
C GLU A 95 -1.26 -5.34 -12.80
N LEU A 96 -1.46 -6.62 -12.47
CA LEU A 96 -2.11 -7.55 -13.43
C LEU A 96 -3.49 -7.06 -13.85
N LYS A 97 -4.30 -6.60 -12.89
CA LYS A 97 -5.64 -6.06 -13.24
C LYS A 97 -5.53 -4.87 -14.21
N ARG A 98 -4.53 -4.00 -14.02
CA ARG A 98 -4.33 -2.89 -14.93
C ARG A 98 -3.91 -3.33 -16.33
N ARG A 99 -3.13 -4.40 -16.41
CA ARG A 99 -2.48 -4.79 -17.69
C ARG A 99 -3.22 -5.93 -18.44
N THR A 100 -4.34 -6.40 -17.87
CA THR A 100 -5.06 -7.54 -18.45
C THR A 100 -6.58 -7.38 -18.29
N GLY A 101 -7.33 -8.33 -18.82
CA GLY A 101 -8.78 -8.31 -18.59
C GLY A 101 -9.25 -8.91 -17.28
N ALA A 102 -8.32 -9.26 -16.40
CA ALA A 102 -8.64 -10.14 -15.28
C ALA A 102 -9.46 -9.43 -14.23
N LYS A 103 -10.46 -10.14 -13.73
CA LYS A 103 -11.19 -9.73 -12.55
C LYS A 103 -10.84 -10.64 -11.37
N VAL A 104 -10.98 -10.12 -10.15
CA VAL A 104 -10.61 -10.87 -8.95
C VAL A 104 -11.86 -11.37 -8.22
N ALA A 105 -11.89 -12.67 -7.92
CA ALA A 105 -12.91 -13.22 -7.03
C ALA A 105 -12.27 -13.63 -5.74
N ALA A 106 -12.84 -13.20 -4.60
CA ALA A 106 -12.26 -13.61 -3.33
C ALA A 106 -13.30 -13.54 -2.21
N ASN A 107 -12.99 -14.15 -1.08
CA ASN A 107 -13.94 -14.08 0.03
C ASN A 107 -13.82 -12.69 0.67
N ALA A 108 -14.76 -12.34 1.55
CA ALA A 108 -14.78 -10.99 2.17
C ALA A 108 -13.50 -10.65 2.94
N GLU A 109 -13.00 -11.61 3.71
CA GLU A 109 -11.76 -11.37 4.47
C GLU A 109 -10.57 -11.09 3.54
N SER A 110 -10.37 -11.94 2.52
CA SER A 110 -9.28 -11.68 1.55
C SER A 110 -9.46 -10.36 0.77
N ALA A 111 -10.69 -10.04 0.40
CA ALA A 111 -10.99 -8.77 -0.29
C ALA A 111 -10.64 -7.55 0.55
N VAL A 112 -10.97 -7.58 1.83
CA VAL A 112 -10.68 -6.48 2.75
C VAL A 112 -9.17 -6.26 2.94
N LEU A 113 -8.41 -7.34 3.16
CA LEU A 113 -6.96 -7.29 3.27
C LEU A 113 -6.28 -6.86 1.96
N LEU A 114 -6.73 -7.40 0.82
CA LEU A 114 -6.25 -6.97 -0.49
C LEU A 114 -6.49 -5.45 -0.76
N ALA A 115 -7.69 -4.99 -0.44
CA ALA A 115 -8.02 -3.58 -0.56
C ALA A 115 -7.12 -2.72 0.33
N ARG A 116 -6.59 -3.33 1.39
CA ARG A 116 -5.71 -2.62 2.31
C ARG A 116 -4.27 -2.62 1.81
N GLY A 117 -4.03 -3.33 0.71
CA GLY A 117 -2.66 -3.69 0.31
C GLY A 117 -1.84 -4.42 1.40
N GLY A 118 -2.50 -5.19 2.25
CA GLY A 118 -1.80 -5.98 3.28
C GLY A 118 -1.43 -5.22 4.55
N SER A 119 -1.86 -3.95 4.61
CA SER A 119 -1.53 -3.07 5.77
C SER A 119 -2.43 -3.44 6.92
N ASP A 120 -2.04 -3.03 8.13
CA ASP A 120 -2.76 -3.42 9.35
C ASP A 120 -3.01 -4.95 9.38
N ASP A 121 -1.97 -5.73 9.11
CA ASP A 121 -2.08 -7.17 9.22
C ASP A 121 -2.21 -7.55 10.71
N LEU A 122 -3.00 -8.60 11.00
CA LEU A 122 -3.22 -8.99 12.42
C LEU A 122 -1.92 -9.30 13.14
N HIS A 123 -0.94 -9.80 12.38
CA HIS A 123 0.32 -10.25 12.95
C HIS A 123 1.54 -9.42 12.47
N PHE A 124 1.55 -9.01 11.21
CA PHE A 124 2.74 -8.33 10.63
C PHE A 124 2.63 -6.82 10.75
N GLY A 125 1.48 -6.35 11.23
CA GLY A 125 1.15 -4.93 11.21
C GLY A 125 1.29 -4.31 9.83
N ASP A 126 2.31 -2.98 9.61
CA ASP A 126 2.49 -2.39 8.29
C ASP A 126 3.79 -2.83 7.69
N GLY A 127 4.33 -3.94 8.22
CA GLY A 127 5.62 -4.48 7.81
C GLY A 127 5.72 -5.07 6.41
N ILE A 128 4.61 -5.56 5.88
CA ILE A 128 4.65 -6.23 4.59
C ILE A 128 3.49 -5.74 3.68
N THR A 129 3.58 -4.49 3.23
CA THR A 129 2.50 -3.90 2.44
C THR A 129 2.82 -4.08 0.95
N TYR A 130 1.80 -4.08 0.10
CA TYR A 130 1.96 -4.16 -1.35
C TYR A 130 0.85 -3.27 -1.97
N PRO A 131 0.88 -3.00 -3.30
CA PRO A 131 -0.18 -2.18 -3.91
C PRO A 131 -1.59 -2.76 -3.74
N PRO A 132 -2.54 -1.96 -3.22
CA PRO A 132 -3.92 -2.44 -3.03
C PRO A 132 -4.62 -2.73 -4.35
N ALA A 133 -5.66 -3.62 -4.27
CA ALA A 133 -6.52 -4.04 -5.36
C ALA A 133 -7.92 -4.26 -4.83
N ASN A 134 -8.89 -4.13 -5.73
CA ASN A 134 -10.27 -4.40 -5.39
C ASN A 134 -10.72 -5.75 -5.95
N ALA A 135 -11.56 -6.44 -5.20
CA ALA A 135 -12.17 -7.69 -5.65
C ALA A 135 -13.40 -7.30 -6.50
N ASP A 136 -13.68 -8.07 -7.55
CA ASP A 136 -14.83 -7.82 -8.41
C ASP A 136 -16.02 -8.70 -8.04
N ARG A 137 -15.75 -9.78 -7.31
CA ARG A 137 -16.78 -10.74 -6.95
C ARG A 137 -16.41 -11.30 -5.58
N ILE A 138 -17.38 -11.34 -4.67
CA ILE A 138 -17.21 -11.93 -3.34
C ILE A 138 -17.73 -13.40 -3.33
N VAL A 139 -16.92 -14.35 -2.86
CA VAL A 139 -17.34 -15.77 -2.81
C VAL A 139 -17.56 -16.27 -1.39
N MET A 140 -18.51 -17.20 -1.26
CA MET A 140 -18.84 -17.82 0.02
C MET A 140 -18.18 -19.19 0.10
N ASP A 141 -18.05 -19.71 1.32
CA ASP A 141 -17.44 -21.04 1.49
C ASP A 141 -18.22 -22.08 0.69
N GLY A 142 -17.50 -22.85 -0.13
CA GLY A 142 -18.11 -23.95 -0.89
C GLY A 142 -18.66 -23.48 -2.21
N GLU A 143 -18.56 -22.17 -2.46
CA GLU A 143 -19.06 -21.58 -3.71
C GLU A 143 -18.18 -22.06 -4.86
N VAL A 144 -18.81 -22.32 -6.01
CA VAL A 144 -18.07 -22.76 -7.21
C VAL A 144 -17.99 -21.64 -8.24
N ILE A 145 -16.85 -21.53 -8.92
CA ILE A 145 -16.70 -20.66 -10.08
C ILE A 145 -16.22 -21.53 -11.25
N THR A 146 -16.93 -21.44 -12.37
CA THR A 146 -16.64 -22.26 -13.57
C THR A 146 -16.10 -21.40 -14.69
N VAL A 147 -14.96 -21.81 -15.26
CA VAL A 147 -14.39 -21.18 -16.45
C VAL A 147 -14.00 -22.31 -17.42
N GLY A 148 -14.60 -22.28 -18.61
CA GLY A 148 -14.32 -23.26 -19.65
C GLY A 148 -14.37 -24.68 -19.11
N GLY A 149 -15.34 -24.91 -18.22
CA GLY A 149 -15.58 -26.23 -17.64
C GLY A 149 -14.54 -26.75 -16.69
N ILE A 150 -13.63 -25.88 -16.25
CA ILE A 150 -12.87 -26.22 -15.05
C ILE A 150 -13.68 -25.57 -13.93
N VAL A 151 -14.06 -26.40 -12.94
CA VAL A 151 -14.91 -25.98 -11.83
C VAL A 151 -14.04 -25.82 -10.59
N PHE A 152 -13.89 -24.58 -10.15
CA PHE A 152 -13.11 -24.31 -8.94
C PHE A 152 -14.07 -24.20 -7.75
N THR A 153 -13.77 -24.91 -6.67
CA THR A 153 -14.57 -24.82 -5.45
C THR A 153 -13.69 -24.17 -4.37
N ALA A 154 -14.26 -23.21 -3.64
CA ALA A 154 -13.60 -22.57 -2.51
C ALA A 154 -13.81 -23.36 -1.23
N HIS A 155 -12.72 -23.62 -0.51
CA HIS A 155 -12.80 -24.25 0.81
C HIS A 155 -12.10 -23.35 1.82
N PHE A 156 -12.87 -22.68 2.69
CA PHE A 156 -12.28 -21.75 3.64
C PHE A 156 -11.49 -22.59 4.65
N MET A 157 -10.16 -21.97 4.85
CA MET A 157 -9.33 -22.62 5.86
C MET A 157 -8.64 -21.54 6.67
N ALA A 158 -9.45 -20.76 7.40
CA ALA A 158 -8.97 -19.63 8.16
C ALA A 158 -7.87 -19.98 9.14
N GLY A 159 -6.93 -19.07 9.36
CA GLY A 159 -5.88 -19.31 10.32
C GLY A 159 -4.67 -18.49 9.94
N HIS A 160 -3.95 -18.95 8.91
CA HIS A 160 -2.82 -18.20 8.41
C HIS A 160 -3.18 -16.74 8.12
N THR A 161 -4.34 -16.53 7.47
CA THR A 161 -5.06 -15.25 7.45
C THR A 161 -6.52 -15.62 7.72
N PRO A 162 -7.34 -14.65 8.20
CA PRO A 162 -8.78 -14.86 8.27
C PRO A 162 -9.39 -15.42 6.98
N GLY A 163 -8.92 -14.94 5.83
CA GLY A 163 -9.50 -15.33 4.57
C GLY A 163 -8.80 -16.43 3.79
N SER A 164 -7.85 -17.11 4.41
CA SER A 164 -7.16 -18.26 3.75
C SER A 164 -8.16 -19.25 3.12
N THR A 165 -7.88 -19.67 1.88
CA THR A 165 -8.76 -20.52 1.09
C THR A 165 -7.96 -21.62 0.37
N ALA A 166 -8.47 -22.87 0.40
CA ALA A 166 -8.05 -23.92 -0.55
C ALA A 166 -8.99 -23.89 -1.78
N TRP A 167 -8.40 -23.92 -2.97
CA TRP A 167 -9.16 -24.00 -4.20
C TRP A 167 -8.95 -25.40 -4.77
N THR A 168 -10.03 -26.10 -5.09
CA THR A 168 -9.92 -27.45 -5.68
C THR A 168 -10.56 -27.46 -7.07
N TRP A 169 -9.99 -28.26 -7.98
CA TRP A 169 -10.58 -28.46 -9.31
C TRP A 169 -10.17 -29.80 -9.88
N THR A 170 -10.92 -30.26 -10.88
CA THR A 170 -10.57 -31.50 -11.57
C THR A 170 -10.02 -31.22 -12.97
N ASP A 171 -8.77 -31.64 -13.18
CA ASP A 171 -8.16 -31.57 -14.50
C ASP A 171 -8.02 -33.03 -15.00
N THR A 172 -7.26 -33.22 -16.09
CA THR A 172 -6.97 -34.56 -16.64
C THR A 172 -5.47 -34.78 -16.90
N ARG A 173 -5.09 -36.05 -16.91
CA ARG A 173 -3.78 -36.52 -17.37
C ARG A 173 -4.05 -37.88 -17.99
N ASN A 174 -3.57 -38.09 -19.21
CA ASN A 174 -3.78 -39.39 -19.90
C ASN A 174 -5.25 -39.83 -19.95
N GLY A 175 -6.15 -38.87 -20.17
CA GLY A 175 -7.57 -39.16 -20.22
C GLY A 175 -8.24 -39.51 -18.91
N LYS A 176 -7.48 -39.47 -17.81
CA LYS A 176 -8.01 -39.78 -16.50
C LYS A 176 -8.07 -38.55 -15.62
N PRO A 177 -9.10 -38.46 -14.78
CA PRO A 177 -9.29 -37.31 -13.90
C PRO A 177 -8.14 -37.15 -12.92
N VAL A 178 -7.74 -35.91 -12.66
CA VAL A 178 -6.77 -35.63 -11.61
C VAL A 178 -7.38 -34.53 -10.73
N ARG A 179 -7.69 -34.87 -9.48
CA ARG A 179 -8.26 -33.91 -8.54
C ARG A 179 -7.11 -33.11 -7.92
N ILE A 180 -6.98 -31.87 -8.38
CA ILE A 180 -5.94 -30.97 -7.89
C ILE A 180 -6.45 -30.16 -6.68
N ALA A 181 -5.62 -30.07 -5.64
CA ALA A 181 -5.93 -29.28 -4.45
C ALA A 181 -4.83 -28.23 -4.24
N TYR A 182 -5.16 -26.95 -4.44
CA TYR A 182 -4.22 -25.87 -4.10
C TYR A 182 -4.52 -25.41 -2.68
N ALA A 183 -3.87 -26.01 -1.69
CA ALA A 183 -4.24 -25.73 -0.29
C ALA A 183 -3.39 -24.59 0.21
N ASP A 184 -4.02 -23.64 0.92
CA ASP A 184 -3.25 -22.49 1.43
C ASP A 184 -2.28 -22.89 2.54
N SER A 185 -1.41 -21.94 2.92
CA SER A 185 -0.43 -22.10 3.99
C SER A 185 -1.12 -22.40 5.32
N LEU A 186 -0.51 -23.28 6.11
CA LEU A 186 -0.94 -23.57 7.49
C LEU A 186 0.17 -23.20 8.47
N SER A 187 1.14 -22.25 8.10
CA SER A 187 2.20 -21.70 8.94
C SER A 187 1.58 -20.64 9.84
N ALA A 188 2.32 -20.29 10.90
CA ALA A 188 1.97 -19.18 11.75
C ALA A 188 3.27 -18.39 12.07
N PRO A 189 3.88 -17.78 11.04
CA PRO A 189 5.26 -17.28 11.20
C PRO A 189 5.35 -16.10 12.15
N GLY A 190 5.89 -16.35 13.33
CA GLY A 190 6.06 -15.29 14.31
C GLY A 190 4.77 -14.86 15.00
N TYR A 191 3.67 -15.58 14.75
CA TYR A 191 2.34 -15.25 15.32
C TYR A 191 2.25 -15.48 16.82
N GLN A 192 1.58 -14.57 17.52
CA GLN A 192 1.02 -14.87 18.85
C GLN A 192 -0.27 -15.68 18.72
N LEU A 193 -0.24 -16.92 19.21
CA LEU A 193 -1.33 -17.88 18.96
C LEU A 193 -2.42 -17.83 20.02
N GLN A 194 -2.00 -17.77 21.28
CA GLN A 194 -2.96 -17.81 22.43
C GLN A 194 -3.32 -16.42 22.97
N GLY A 195 -4.59 -16.22 23.34
CA GLY A 195 -5.05 -14.94 23.90
C GLY A 195 -4.76 -13.71 23.03
N ASN A 196 -4.77 -13.89 21.72
CA ASN A 196 -4.50 -12.79 20.77
C ASN A 196 -5.75 -11.94 20.63
N PRO A 197 -5.72 -10.68 21.08
CA PRO A 197 -6.97 -9.87 21.07
C PRO A 197 -7.52 -9.57 19.67
N ARG A 198 -6.63 -9.57 18.68
CA ARG A 198 -7.00 -9.30 17.30
C ARG A 198 -7.52 -10.56 16.60
N TYR A 199 -7.29 -11.75 17.19
CA TYR A 199 -7.80 -13.01 16.63
C TYR A 199 -8.12 -14.00 17.77
N PRO A 200 -9.21 -13.75 18.56
CA PRO A 200 -9.50 -14.56 19.76
C PRO A 200 -9.67 -16.06 19.54
N HIS A 201 -10.23 -16.47 18.39
CA HIS A 201 -10.44 -17.89 18.12
C HIS A 201 -9.41 -18.48 17.13
N LEU A 202 -8.23 -17.89 17.08
CA LEU A 202 -7.17 -18.34 16.17
C LEU A 202 -6.93 -19.87 16.27
N ILE A 203 -6.78 -20.41 17.49
CA ILE A 203 -6.40 -21.81 17.64
C ILE A 203 -7.49 -22.75 17.10
N GLU A 204 -8.74 -22.45 17.45
CA GLU A 204 -9.87 -23.22 16.99
C GLU A 204 -9.99 -23.16 15.47
N ASP A 205 -9.66 -22.02 14.88
CA ASP A 205 -9.73 -21.90 13.42
C ASP A 205 -8.66 -22.75 12.75
N TYR A 206 -7.43 -22.68 13.26
CA TYR A 206 -6.40 -23.57 12.77
C TYR A 206 -6.77 -25.05 12.88
N ARG A 207 -7.29 -25.49 14.03
CA ARG A 207 -7.67 -26.90 14.19
C ARG A 207 -8.74 -27.36 13.18
N ARG A 208 -9.74 -26.53 12.97
CA ARG A 208 -10.73 -26.82 11.96
C ARG A 208 -10.11 -26.81 10.56
N SER A 209 -9.17 -25.90 10.31
CA SER A 209 -8.48 -25.85 9.02
C SER A 209 -7.59 -27.09 8.76
N PHE A 210 -6.94 -27.63 9.80
CA PHE A 210 -6.24 -28.92 9.61
C PHE A 210 -7.22 -30.00 9.12
N ALA A 211 -8.41 -30.06 9.74
CA ALA A 211 -9.41 -31.06 9.35
C ALA A 211 -9.90 -30.89 7.89
N THR A 212 -10.14 -29.64 7.50
CA THR A 212 -10.55 -29.28 6.14
C THR A 212 -9.53 -29.73 5.11
N VAL A 213 -8.26 -29.41 5.37
CA VAL A 213 -7.19 -29.76 4.44
C VAL A 213 -7.06 -31.30 4.30
N ARG A 214 -7.11 -32.00 5.43
CA ARG A 214 -7.05 -33.47 5.45
C ARG A 214 -8.11 -34.13 4.57
N ALA A 215 -9.28 -33.51 4.50
CA ALA A 215 -10.44 -34.09 3.82
C ALA A 215 -10.62 -33.63 2.38
N LEU A 216 -9.73 -32.77 1.85
CA LEU A 216 -9.91 -32.25 0.48
C LEU A 216 -9.80 -33.37 -0.56
N PRO A 217 -10.51 -33.22 -1.70
CA PRO A 217 -10.30 -34.13 -2.84
C PRO A 217 -8.89 -33.81 -3.39
N CYS A 218 -7.99 -34.79 -3.40
CA CYS A 218 -6.57 -34.47 -3.41
C CYS A 218 -5.67 -35.52 -4.06
N ASP A 219 -5.83 -35.75 -5.36
CA ASP A 219 -4.87 -36.58 -6.14
C ASP A 219 -3.48 -35.93 -6.21
N VAL A 220 -3.43 -34.61 -6.41
CA VAL A 220 -2.19 -33.82 -6.37
C VAL A 220 -2.38 -32.58 -5.48
N LEU A 221 -1.50 -32.42 -4.49
CA LEU A 221 -1.48 -31.25 -3.61
C LEU A 221 -0.43 -30.28 -4.12
N LEU A 222 -0.80 -28.99 -4.23
CA LEU A 222 0.15 -27.89 -4.47
C LEU A 222 -0.04 -26.83 -3.35
N THR A 223 1.04 -26.13 -2.98
CA THR A 223 0.96 -25.09 -1.93
C THR A 223 1.62 -23.78 -2.39
N PRO A 224 1.21 -22.61 -1.81
CA PRO A 224 1.77 -21.30 -2.18
C PRO A 224 3.31 -21.26 -2.09
N HIS A 225 3.84 -21.73 -0.97
CA HIS A 225 5.24 -22.10 -0.88
C HIS A 225 5.45 -23.59 -1.17
N PRO A 226 6.07 -23.88 -2.30
CA PRO A 226 6.08 -25.25 -2.84
C PRO A 226 6.78 -26.22 -1.90
N GLY A 227 7.74 -25.72 -1.12
CA GLY A 227 8.48 -26.56 -0.19
C GLY A 227 7.59 -27.15 0.89
N ALA A 228 6.51 -26.44 1.23
CA ALA A 228 5.62 -26.91 2.28
C ALA A 228 4.95 -28.25 1.94
N SER A 229 4.74 -28.48 0.66
CA SER A 229 4.14 -29.72 0.17
C SER A 229 5.18 -30.61 -0.51
N ASN A 230 6.44 -30.24 -0.33
CA ASN A 230 7.60 -31.00 -0.86
C ASN A 230 7.78 -30.98 -2.38
N TRP A 231 7.25 -29.96 -3.04
CA TRP A 231 7.52 -29.73 -4.46
C TRP A 231 8.90 -29.09 -4.66
N ASP A 232 9.58 -29.47 -5.74
CA ASP A 232 10.84 -28.82 -6.14
C ASP A 232 10.69 -28.41 -7.60
N TYR A 233 10.19 -27.19 -7.84
CA TYR A 233 9.88 -26.79 -9.23
C TYR A 233 11.09 -26.78 -10.17
N ALA A 234 12.28 -26.59 -9.60
CA ALA A 234 13.52 -26.57 -10.41
C ALA A 234 14.01 -27.98 -10.83
N ALA A 235 13.38 -29.04 -10.31
CA ALA A 235 13.78 -30.44 -10.57
C ALA A 235 13.11 -31.10 -11.81
N GLY A 236 12.49 -30.27 -12.65
CA GLY A 236 11.83 -30.69 -13.90
C GLY A 236 10.93 -31.90 -13.77
N ALA A 237 11.36 -33.01 -14.36
CA ALA A 237 10.56 -34.25 -14.42
C ALA A 237 10.32 -34.91 -13.06
N ARG A 238 11.19 -34.63 -12.10
CA ARG A 238 11.07 -35.17 -10.75
C ARG A 238 10.37 -34.17 -9.80
N ALA A 239 9.83 -32.66 -10.45
CA ALA A 239 9.42 -31.57 -9.58
C ALA A 239 8.44 -32.09 -8.51
N GLY A 240 7.48 -32.93 -8.92
CA GLY A 240 6.40 -33.33 -8.02
C GLY A 240 6.47 -34.71 -7.40
N ALA A 241 7.61 -35.39 -7.57
CA ALA A 241 7.73 -36.78 -7.11
C ALA A 241 7.59 -36.98 -5.60
N LYS A 242 8.21 -36.11 -4.80
CA LYS A 242 8.19 -36.26 -3.35
C LYS A 242 7.03 -35.52 -2.67
N ALA A 243 6.09 -35.04 -3.48
CA ALA A 243 4.98 -34.23 -2.99
C ALA A 243 4.21 -34.99 -1.89
N LEU A 244 3.81 -34.27 -0.85
CA LEU A 244 2.96 -34.81 0.21
C LEU A 244 1.51 -35.01 -0.25
N THR A 245 0.78 -35.94 0.38
CA THR A 245 -0.67 -35.93 0.31
C THR A 245 -1.24 -34.73 1.12
N CYS A 246 -2.49 -34.34 0.86
CA CYS A 246 -3.14 -33.34 1.73
C CYS A 246 -3.16 -33.81 3.19
N LYS A 247 -3.38 -35.11 3.41
CA LYS A 247 -3.37 -35.68 4.79
C LYS A 247 -2.03 -35.47 5.51
N ALA A 248 -0.94 -35.73 4.78
CA ALA A 248 0.42 -35.60 5.31
C ALA A 248 0.80 -34.13 5.55
N TYR A 249 0.47 -33.26 4.60
CA TYR A 249 0.65 -31.81 4.76
C TYR A 249 -0.06 -31.31 6.04
N ALA A 250 -1.33 -31.68 6.22
CA ALA A 250 -2.12 -31.26 7.37
C ALA A 250 -1.55 -31.82 8.68
N ASP A 251 -1.11 -33.07 8.67
CA ASP A 251 -0.52 -33.66 9.87
C ASP A 251 0.80 -32.97 10.24
N ALA A 252 1.66 -32.70 9.25
CA ALA A 252 2.93 -32.03 9.55
C ALA A 252 2.68 -30.63 10.11
N ALA A 253 1.73 -29.92 9.50
CA ALA A 253 1.39 -28.58 9.92
C ALA A 253 0.84 -28.57 11.34
N GLU A 254 -0.02 -29.53 11.68
CA GLU A 254 -0.56 -29.59 13.03
C GLU A 254 0.51 -29.89 14.09
N GLN A 255 1.43 -30.80 13.77
CA GLN A 255 2.56 -31.11 14.66
C GLN A 255 3.45 -29.90 14.90
N LYS A 256 3.76 -29.15 13.83
CA LYS A 256 4.56 -27.93 13.98
C LYS A 256 3.84 -26.87 14.85
N PHE A 257 2.54 -26.76 14.65
CA PHE A 257 1.69 -25.82 15.38
C PHE A 257 1.61 -26.16 16.87
N ASP A 258 1.50 -27.45 17.18
CA ASP A 258 1.51 -27.91 18.56
C ASP A 258 2.83 -27.60 19.23
N GLY A 259 3.94 -27.74 18.49
CA GLY A 259 5.27 -27.36 19.01
C GLY A 259 5.38 -25.87 19.24
N GLN A 260 4.89 -25.09 18.27
CA GLN A 260 4.87 -23.64 18.41
C GLN A 260 4.05 -23.17 19.63
N LEU A 261 2.87 -23.75 19.83
CA LEU A 261 2.06 -23.48 21.03
C LEU A 261 2.83 -23.72 22.32
N ALA A 262 3.53 -24.85 22.38
CA ALA A 262 4.30 -25.21 23.57
C ALA A 262 5.45 -24.22 23.78
N LYS A 263 6.16 -23.85 22.72
CA LYS A 263 7.23 -22.86 22.82
C LYS A 263 6.69 -21.49 23.26
N GLU A 264 5.48 -21.16 22.82
CA GLU A 264 4.89 -19.88 23.17
C GLU A 264 4.58 -19.82 24.66
N THR A 265 4.01 -20.89 25.18
CA THR A 265 3.68 -21.04 26.59
C THR A 265 4.97 -20.95 27.43
N ALA A 266 6.04 -21.58 26.95
CA ALA A 266 7.36 -21.48 27.59
C ALA A 266 7.99 -20.08 27.55
N GLY A 267 7.61 -19.28 26.56
CA GLY A 267 8.20 -17.95 26.33
C GLY A 267 7.38 -16.85 26.96
N GLU B 2 22.31 -17.70 -12.81
CA GLU B 2 21.07 -16.95 -13.17
C GLU B 2 20.86 -15.69 -12.34
N VAL B 3 20.11 -14.76 -12.91
CA VAL B 3 19.86 -13.47 -12.29
C VAL B 3 18.40 -13.47 -11.85
N PRO B 4 18.16 -13.36 -10.54
CA PRO B 4 16.78 -13.26 -10.07
C PRO B 4 16.19 -11.88 -10.35
N LEU B 5 14.86 -11.76 -10.26
CA LEU B 5 14.23 -10.45 -10.22
C LEU B 5 14.84 -9.67 -9.02
N PRO B 6 14.90 -8.32 -9.13
CA PRO B 6 15.53 -7.53 -8.06
C PRO B 6 14.68 -7.55 -6.79
N GLN B 7 15.32 -7.39 -5.63
CA GLN B 7 14.59 -7.24 -4.37
C GLN B 7 13.81 -5.94 -4.46
N LEU B 8 12.73 -5.82 -3.69
CA LEU B 8 12.03 -4.54 -3.60
C LEU B 8 12.94 -3.52 -2.89
N ARG B 9 12.88 -2.26 -3.27
CA ARG B 9 13.74 -1.22 -2.68
C ARG B 9 12.90 -0.21 -1.92
N ALA B 10 13.21 0.01 -0.65
CA ALA B 10 12.49 1.03 0.11
C ALA B 10 13.03 2.41 -0.23
N TYR B 11 12.15 3.41 -0.27
CA TYR B 11 12.57 4.78 -0.58
C TYR B 11 13.23 5.31 0.69
N THR B 12 14.50 5.68 0.57
CA THR B 12 15.27 6.19 1.71
C THR B 12 15.45 7.71 1.57
N VAL B 13 15.51 8.40 2.70
CA VAL B 13 15.53 9.88 2.71
C VAL B 13 16.68 10.42 3.60
N ASP B 14 17.04 11.69 3.42
CA ASP B 14 18.06 12.32 4.28
C ASP B 14 17.67 12.18 5.74
N ALA B 15 18.66 11.96 6.61
CA ALA B 15 18.43 11.87 8.07
C ALA B 15 17.55 13.00 8.63
N SER B 16 17.76 14.24 8.15
CA SER B 16 17.03 15.38 8.70
C SER B 16 15.52 15.24 8.48
N TRP B 17 15.12 14.57 7.41
CA TRP B 17 13.68 14.34 7.15
C TRP B 17 13.05 13.47 8.22
N LEU B 18 13.86 12.64 8.88
CA LEU B 18 13.39 11.70 9.91
C LEU B 18 13.86 12.06 11.31
N GLN B 19 14.40 13.27 11.44
CA GLN B 19 14.90 13.75 12.74
C GLN B 19 13.82 14.43 13.61
N PRO B 20 13.38 13.77 14.70
CA PRO B 20 12.36 14.36 15.57
C PRO B 20 12.76 15.73 16.14
N MET B 21 11.75 16.57 16.34
CA MET B 21 11.92 17.89 16.94
C MET B 21 10.73 18.13 17.85
N ALA B 22 10.94 18.95 18.87
CA ALA B 22 9.87 19.41 19.77
C ALA B 22 8.93 20.34 19.05
N PRO B 23 7.67 20.49 19.56
CA PRO B 23 6.77 21.46 18.94
C PRO B 23 7.39 22.87 18.80
N LEU B 24 7.21 23.47 17.63
CA LEU B 24 7.67 24.82 17.32
C LEU B 24 6.46 25.71 17.05
N GLN B 25 6.28 26.76 17.86
CA GLN B 25 5.11 27.62 17.71
C GLN B 25 5.24 28.58 16.52
N ILE B 26 4.20 28.60 15.67
CA ILE B 26 4.13 29.46 14.48
C ILE B 26 3.24 30.65 14.76
N ALA B 27 2.07 30.38 15.32
CA ALA B 27 1.15 31.43 15.79
C ALA B 27 0.42 30.99 17.07
N ASP B 28 -0.52 31.79 17.56
CA ASP B 28 -1.17 31.47 18.84
C ASP B 28 -1.68 30.03 18.97
N HIS B 29 -2.16 29.46 17.85
CA HIS B 29 -2.81 28.13 17.85
C HIS B 29 -2.17 27.13 16.89
N THR B 30 -1.07 27.51 16.25
CA THR B 30 -0.45 26.72 15.18
C THR B 30 0.97 26.35 15.52
N TRP B 31 1.27 25.04 15.45
CA TRP B 31 2.56 24.47 15.80
C TRP B 31 3.12 23.53 14.73
N GLN B 32 4.40 23.66 14.45
CA GLN B 32 5.06 22.63 13.68
C GLN B 32 5.40 21.49 14.65
N ILE B 33 4.90 20.28 14.37
CA ILE B 33 5.10 19.11 15.26
C ILE B 33 5.75 17.90 14.52
N GLY B 34 6.28 18.15 13.32
CA GLY B 34 6.83 17.08 12.49
C GLY B 34 8.29 16.87 12.80
N THR B 35 9.07 16.69 11.74
CA THR B 35 10.49 16.44 11.90
C THR B 35 11.22 17.73 11.53
N GLU B 36 12.85 17.76 11.52
CA GLU B 36 13.50 18.99 11.08
C GLU B 36 13.18 19.34 9.62
N ASP B 37 12.95 18.34 8.77
CA ASP B 37 12.76 18.64 7.34
C ASP B 37 11.47 18.18 6.68
N LEU B 38 10.46 17.80 7.50
CA LEU B 38 9.12 17.56 6.97
C LEU B 38 8.09 18.27 7.87
N THR B 39 7.20 19.04 7.25
CA THR B 39 6.16 19.80 7.94
C THR B 39 5.01 18.88 8.36
N ALA B 40 4.53 19.06 9.58
CA ALA B 40 3.22 18.53 9.99
C ALA B 40 2.69 19.55 10.96
N LEU B 41 1.60 20.22 10.60
CA LEU B 41 1.11 21.38 11.38
C LEU B 41 -0.07 21.02 12.26
N LEU B 42 0.02 21.37 13.54
CA LEU B 42 -1.08 21.14 14.48
C LEU B 42 -1.76 22.46 14.78
N VAL B 43 -3.09 22.50 14.59
CA VAL B 43 -3.87 23.67 14.95
C VAL B 43 -4.84 23.30 16.06
N GLN B 44 -4.66 23.94 17.23
CA GLN B 44 -5.46 23.63 18.42
C GLN B 44 -6.61 24.61 18.56
N THR B 45 -7.84 24.09 18.52
CA THR B 45 -9.03 24.90 18.71
C THR B 45 -9.70 24.60 20.05
N PRO B 46 -10.68 25.40 20.41
CA PRO B 46 -11.52 25.14 21.59
C PRO B 46 -12.29 23.83 21.44
N ASP B 47 -12.56 23.43 20.20
CA ASP B 47 -13.29 22.20 19.94
C ASP B 47 -12.48 21.09 19.29
N GLY B 48 -11.24 20.89 19.72
CA GLY B 48 -10.41 19.85 19.14
C GLY B 48 -9.33 20.36 18.19
N ALA B 49 -8.46 19.44 17.74
CA ALA B 49 -7.30 19.79 16.96
C ALA B 49 -7.46 19.34 15.48
N VAL B 50 -6.69 20.03 14.62
CA VAL B 50 -6.55 19.70 13.23
C VAL B 50 -5.08 19.41 12.95
N LEU B 51 -4.80 18.34 12.20
CA LEU B 51 -3.47 18.10 11.68
C LEU B 51 -3.43 18.35 10.17
N LEU B 52 -2.44 19.12 9.72
CA LEU B 52 -2.24 19.28 8.28
C LEU B 52 -0.92 18.61 7.95
N ASP B 53 -1.01 17.47 7.25
CA ASP B 53 0.14 16.57 6.88
C ASP B 53 0.70 15.78 8.10
N GLY B 54 1.30 14.62 7.84
CA GLY B 54 1.97 13.83 8.87
C GLY B 54 3.40 13.44 8.52
N GLY B 55 3.87 13.76 7.32
CA GLY B 55 5.20 13.33 6.93
C GLY B 55 5.30 11.89 6.42
N MET B 56 6.41 11.25 6.77
CA MET B 56 6.73 9.89 6.35
C MET B 56 6.04 8.85 7.24
N PRO B 57 5.71 7.44 6.61
CA PRO B 57 4.96 6.43 7.36
C PRO B 57 5.42 6.24 8.81
N GLN B 58 6.72 6.33 9.07
CA GLN B 58 7.26 5.98 10.38
C GLN B 58 7.12 7.07 11.45
N MET B 59 6.53 8.20 11.09
CA MET B 59 6.39 9.35 12.02
C MET B 59 5.14 9.34 12.91
N ALA B 60 4.24 8.36 12.73
CA ALA B 60 2.98 8.36 13.49
C ALA B 60 3.17 8.52 15.01
N SER B 61 4.01 7.69 15.64
CA SER B 61 4.17 7.76 17.11
C SER B 61 4.81 9.08 17.59
N HIS B 62 5.75 9.58 16.79
CA HIS B 62 6.34 10.88 17.09
C HIS B 62 5.26 11.98 17.10
N LEU B 63 4.41 12.01 16.08
CA LEU B 63 3.32 12.99 16.04
C LEU B 63 2.41 12.89 17.27
N LEU B 64 2.02 11.69 17.62
CA LEU B 64 1.19 11.49 18.82
C LEU B 64 1.88 11.94 20.10
N ASP B 65 3.20 11.72 20.20
CA ASP B 65 4.00 12.22 21.35
C ASP B 65 3.98 13.74 21.41
N ASN B 66 4.14 14.39 20.25
CA ASN B 66 4.11 15.86 20.20
C ASN B 66 2.74 16.38 20.49
N MET B 67 1.73 15.69 20.00
CA MET B 67 0.36 16.08 20.35
C MET B 67 0.12 16.01 21.88
N LYS B 68 0.55 14.93 22.51
CA LYS B 68 0.42 14.77 23.97
C LYS B 68 1.14 15.91 24.71
N ALA B 69 2.35 16.25 24.24
CA ALA B 69 3.12 17.40 24.78
C ALA B 69 2.36 18.75 24.74
N ARG B 70 1.41 18.87 23.80
CA ARG B 70 0.62 20.08 23.57
C ARG B 70 -0.71 20.01 24.29
N GLY B 71 -0.96 18.90 24.98
CA GLY B 71 -2.25 18.69 25.67
C GLY B 71 -3.35 18.15 24.76
N VAL B 72 -2.98 17.54 23.64
CA VAL B 72 -3.98 17.03 22.68
C VAL B 72 -3.94 15.52 22.79
N THR B 73 -5.01 14.94 23.32
CA THR B 73 -5.10 13.50 23.42
C THR B 73 -5.58 12.92 22.09
N PRO B 74 -5.38 11.60 21.86
CA PRO B 74 -5.89 11.01 20.60
C PRO B 74 -7.37 11.26 20.30
N ARG B 75 -8.22 11.30 21.33
CA ARG B 75 -9.63 11.61 21.13
C ARG B 75 -9.85 13.06 20.64
N ASP B 76 -8.88 13.94 20.91
CA ASP B 76 -9.00 15.38 20.67
C ASP B 76 -8.72 15.73 19.20
N LEU B 77 -7.96 14.87 18.51
CA LEU B 77 -7.66 15.08 17.11
C LEU B 77 -8.89 14.77 16.25
N ARG B 78 -9.42 15.80 15.60
CA ARG B 78 -10.70 15.69 14.89
C ARG B 78 -10.55 15.56 13.38
N LEU B 79 -9.51 16.18 12.82
CA LEU B 79 -9.44 16.37 11.36
C LEU B 79 -8.00 16.35 10.90
N ILE B 80 -7.77 15.62 9.80
CA ILE B 80 -6.51 15.59 9.08
C ILE B 80 -6.77 16.15 7.68
N LEU B 81 -5.98 17.15 7.32
CA LEU B 81 -5.98 17.77 5.98
C LEU B 81 -4.64 17.46 5.37
N LEU B 82 -4.55 17.49 4.04
CA LEU B 82 -3.31 17.10 3.36
C LEU B 82 -2.94 18.11 2.30
N SER B 83 -1.64 18.34 2.10
CA SER B 83 -1.12 19.13 0.96
C SER B 83 -1.26 18.29 -0.32
N HIS B 84 -0.58 17.13 -0.34
CA HIS B 84 -0.76 16.12 -1.42
C HIS B 84 -0.51 14.71 -0.90
N ALA B 85 -1.10 13.74 -1.59
CA ALA B 85 -1.09 12.35 -1.10
C ALA B 85 0.14 11.52 -1.51
N HIS B 86 1.34 12.07 -1.36
CA HIS B 86 2.58 11.28 -1.49
C HIS B 86 3.03 10.74 -0.13
N ALA B 87 3.88 9.70 -0.17
CA ALA B 87 4.32 8.96 1.00
C ALA B 87 5.05 9.82 2.02
N ASP B 88 5.68 10.89 1.54
CA ASP B 88 6.47 11.76 2.44
C ASP B 88 5.65 12.86 3.14
N HIS B 89 4.34 12.91 2.86
CA HIS B 89 3.42 13.85 3.56
C HIS B 89 2.18 13.17 4.14
N ALA B 90 1.72 12.11 3.47
CA ALA B 90 0.54 11.43 3.90
C ALA B 90 0.86 10.06 4.46
N GLY B 91 2.15 9.74 4.56
CA GLY B 91 2.59 8.39 4.96
C GLY B 91 1.94 7.76 6.20
N PRO B 92 1.82 8.52 7.32
CA PRO B 92 1.26 7.91 8.55
C PRO B 92 -0.25 8.07 8.68
N VAL B 93 -0.95 8.53 7.64
CA VAL B 93 -2.37 8.87 7.81
C VAL B 93 -3.26 7.67 8.18
N ALA B 94 -3.09 6.51 7.54
CA ALA B 94 -3.92 5.34 7.90
C ALA B 94 -3.77 5.01 9.39
N GLU B 95 -2.51 4.98 9.84
CA GLU B 95 -2.20 4.64 11.22
C GLU B 95 -2.76 5.66 12.22
N LEU B 96 -2.66 6.95 11.88
CA LEU B 96 -3.24 8.02 12.71
C LEU B 96 -4.76 7.89 12.83
N LYS B 97 -5.41 7.52 11.73
CA LYS B 97 -6.87 7.28 11.79
C LYS B 97 -7.21 6.13 12.73
N ARG B 98 -6.45 5.03 12.70
CA ARG B 98 -6.69 3.88 13.60
C ARG B 98 -6.53 4.24 15.08
N ARG B 99 -5.59 5.16 15.36
CA ARG B 99 -5.14 5.43 16.72
C ARG B 99 -5.75 6.69 17.36
N THR B 100 -6.53 7.42 16.60
CA THR B 100 -7.16 8.66 17.06
C THR B 100 -8.60 8.79 16.60
N GLY B 101 -9.26 9.81 17.13
CA GLY B 101 -10.58 10.21 16.59
C GLY B 101 -10.64 10.79 15.16
N ALA B 102 -9.49 10.95 14.50
CA ALA B 102 -9.38 11.85 13.34
C ALA B 102 -10.07 11.36 12.06
N LYS B 103 -10.79 12.27 11.39
CA LYS B 103 -11.39 12.00 10.08
C LYS B 103 -10.61 12.81 9.04
N VAL B 104 -10.61 12.36 7.79
CA VAL B 104 -9.79 13.02 6.73
C VAL B 104 -10.73 13.76 5.76
N ALA B 105 -10.35 14.98 5.39
CA ALA B 105 -11.03 15.73 4.32
C ALA B 105 -10.04 15.99 3.24
N ALA B 106 -10.43 15.73 1.99
CA ALA B 106 -9.55 15.89 0.87
C ALA B 106 -10.36 16.04 -0.41
N ASN B 107 -9.72 16.58 -1.45
CA ASN B 107 -10.38 16.59 -2.78
C ASN B 107 -10.40 15.19 -3.43
N ALA B 108 -11.22 15.04 -4.48
CA ALA B 108 -11.43 13.73 -5.07
C ALA B 108 -10.12 13.11 -5.57
N GLU B 109 -9.29 13.92 -6.21
CA GLU B 109 -7.98 13.47 -6.71
C GLU B 109 -7.08 12.95 -5.59
N SER B 110 -6.95 13.73 -4.51
CA SER B 110 -6.19 13.25 -3.35
C SER B 110 -6.75 12.01 -2.70
N ALA B 111 -8.06 11.98 -2.48
CA ALA B 111 -8.74 10.82 -1.92
C ALA B 111 -8.48 9.53 -2.74
N VAL B 112 -8.55 9.62 -4.06
CA VAL B 112 -8.29 8.48 -4.92
C VAL B 112 -6.83 7.97 -4.77
N LEU B 113 -5.88 8.90 -4.76
CA LEU B 113 -4.45 8.54 -4.60
C LEU B 113 -4.16 7.99 -3.19
N LEU B 114 -4.79 8.61 -2.20
CA LEU B 114 -4.67 8.16 -0.80
C LEU B 114 -5.21 6.71 -0.63
N ALA B 115 -6.35 6.42 -1.28
CA ALA B 115 -7.04 5.13 -1.14
C ALA B 115 -6.25 4.01 -1.83
N ARG B 116 -5.37 4.38 -2.75
CA ARG B 116 -4.50 3.36 -3.32
C ARG B 116 -3.08 3.41 -2.75
N GLY B 117 -2.92 4.09 -1.62
CA GLY B 117 -1.61 4.14 -0.95
C GLY B 117 -0.48 4.68 -1.82
N GLY B 118 -0.82 5.57 -2.74
CA GLY B 118 0.21 6.15 -3.59
C GLY B 118 0.69 5.26 -4.73
N SER B 119 0.11 4.08 -4.89
CA SER B 119 0.54 3.20 -5.97
C SER B 119 -0.02 3.77 -7.28
N ASP B 120 0.48 3.26 -8.40
CA ASP B 120 0.09 3.73 -9.77
C ASP B 120 0.13 5.29 -9.88
N ASP B 121 1.19 5.87 -9.31
CA ASP B 121 1.47 7.30 -9.39
C ASP B 121 1.75 7.64 -10.85
N LEU B 122 1.26 8.79 -11.29
CA LEU B 122 1.44 9.22 -12.69
C LEU B 122 2.91 9.28 -13.11
N HIS B 123 3.81 9.52 -12.16
CA HIS B 123 5.25 9.69 -12.48
C HIS B 123 6.17 8.68 -11.80
N PHE B 124 5.82 8.26 -10.59
CA PHE B 124 6.70 7.38 -9.79
C PHE B 124 6.25 5.91 -9.93
N GLY B 125 5.13 5.69 -10.61
CA GLY B 125 4.51 4.37 -10.68
C GLY B 125 4.24 3.78 -9.31
N ASP B 126 4.94 2.47 -8.81
CA ASP B 126 4.73 1.85 -7.52
C ASP B 126 5.97 2.02 -6.67
N GLY B 127 6.82 3.00 -7.05
CA GLY B 127 8.09 3.27 -6.37
C GLY B 127 8.01 3.90 -4.98
N ILE B 128 6.90 4.57 -4.68
CA ILE B 128 6.68 5.20 -3.35
C ILE B 128 5.29 4.89 -2.74
N THR B 129 5.03 3.63 -2.42
CA THR B 129 3.74 3.26 -1.85
C THR B 129 3.77 3.40 -0.30
N TYR B 130 2.58 3.58 0.29
CA TYR B 130 2.46 3.67 1.74
C TYR B 130 1.05 3.12 2.13
N PRO B 131 0.78 2.93 3.43
CA PRO B 131 -0.53 2.38 3.78
C PRO B 131 -1.71 3.17 3.24
N PRO B 132 -2.63 2.50 2.53
CA PRO B 132 -3.79 3.29 2.09
C PRO B 132 -4.76 3.67 3.22
N ALA B 133 -5.47 5.03 2.93
CA ALA B 133 -6.51 5.47 3.86
C ALA B 133 -7.66 5.95 3.02
N ASN B 134 -8.84 5.97 3.64
CA ASN B 134 -10.05 6.48 3.02
C ASN B 134 -10.33 7.90 3.55
N ALA B 135 -10.85 8.76 2.67
CA ALA B 135 -11.34 10.10 3.02
C ALA B 135 -12.76 10.01 3.58
N ASP B 136 -13.06 10.84 4.57
CA ASP B 136 -14.39 10.89 5.18
C ASP B 136 -15.27 11.97 4.57
N ARG B 137 -14.63 12.97 4.00
CA ARG B 137 -15.33 14.08 3.40
C ARG B 137 -14.59 14.51 2.12
N ILE B 138 -15.33 14.72 1.03
CA ILE B 138 -14.71 15.23 -0.21
C ILE B 138 -14.95 16.75 -0.32
N VAL B 139 -13.88 17.50 -0.57
CA VAL B 139 -13.97 18.98 -0.69
C VAL B 139 -13.75 19.44 -2.11
N MET B 140 -14.46 20.53 -2.44
CA MET B 140 -14.32 21.21 -3.73
C MET B 140 -13.44 22.45 -3.60
N ASP B 141 -12.97 22.96 -4.74
CA ASP B 141 -12.12 24.15 -4.78
C ASP B 141 -12.82 25.34 -4.10
N GLY B 142 -12.14 25.96 -3.13
CA GLY B 142 -12.70 27.13 -2.45
C GLY B 142 -13.60 26.81 -1.26
N GLU B 143 -13.83 25.53 -0.99
CA GLU B 143 -14.75 25.15 0.06
C GLU B 143 -14.08 25.39 1.40
N VAL B 144 -14.87 25.69 2.41
CA VAL B 144 -14.33 25.89 3.74
C VAL B 144 -14.71 24.75 4.67
N ILE B 145 -13.87 24.54 5.69
CA ILE B 145 -14.14 23.60 6.79
C ILE B 145 -13.83 24.36 8.08
N THR B 146 -14.76 24.30 9.03
CA THR B 146 -14.66 25.02 10.32
C THR B 146 -14.53 24.07 11.52
N VAL B 147 -13.48 24.27 12.31
CA VAL B 147 -13.29 23.48 13.54
C VAL B 147 -13.03 24.47 14.68
N GLY B 148 -13.85 24.39 15.74
CA GLY B 148 -13.68 25.27 16.91
C GLY B 148 -13.59 26.73 16.55
N GLY B 149 -14.41 27.13 15.58
CA GLY B 149 -14.45 28.49 15.07
C GLY B 149 -13.35 28.90 14.11
N ILE B 150 -12.37 28.03 13.87
CA ILE B 150 -11.30 28.35 12.93
C ILE B 150 -11.69 27.85 11.53
N VAL B 151 -11.60 28.75 10.55
CA VAL B 151 -12.01 28.45 9.17
C VAL B 151 -10.82 28.16 8.24
N PHE B 152 -10.85 26.98 7.63
CA PHE B 152 -9.80 26.54 6.71
C PHE B 152 -10.38 26.54 5.29
N THR B 153 -9.67 27.14 4.35
CA THR B 153 -10.15 27.25 2.97
C THR B 153 -9.19 26.48 2.06
N ALA B 154 -9.77 25.63 1.22
CA ALA B 154 -9.03 24.87 0.22
C ALA B 154 -8.80 25.68 -1.06
N HIS B 155 -7.56 25.68 -1.56
CA HIS B 155 -7.23 26.34 -2.83
C HIS B 155 -6.54 25.32 -3.71
N PHE B 156 -7.25 24.80 -4.70
CA PHE B 156 -6.65 23.71 -5.51
C PHE B 156 -5.52 24.33 -6.28
N MET B 157 -4.27 23.64 -6.52
CA MET B 157 -3.05 23.99 -7.25
C MET B 157 -2.47 22.75 -7.86
N ALA B 158 -3.29 22.13 -8.74
CA ALA B 158 -2.88 20.93 -9.44
C ALA B 158 -1.54 21.06 -10.15
N GLY B 159 -0.75 20.00 -10.10
CA GLY B 159 0.51 19.98 -10.85
C GLY B 159 1.40 18.95 -10.25
N HIS B 160 1.96 19.28 -9.07
CA HIS B 160 2.82 18.32 -8.40
C HIS B 160 2.10 16.96 -8.26
N THR B 161 0.85 17.01 -7.83
CA THR B 161 -0.07 15.91 -8.02
C THR B 161 -1.35 16.54 -8.57
N PRO B 162 -2.20 15.74 -9.26
CA PRO B 162 -3.47 16.31 -9.69
C PRO B 162 -4.27 16.94 -8.55
N GLY B 163 -4.20 16.36 -7.36
CA GLY B 163 -4.99 16.81 -6.21
C GLY B 163 -4.28 17.77 -5.26
N SER B 164 -3.08 18.23 -5.62
CA SER B 164 -2.36 19.25 -4.85
C SER B 164 -3.23 20.43 -4.34
N THR B 165 -3.11 20.76 -3.05
CA THR B 165 -4.01 21.74 -2.41
C THR B 165 -3.21 22.70 -1.50
N ALA B 166 -3.50 24.01 -1.58
CA ALA B 166 -3.04 24.95 -0.54
C ALA B 166 -4.15 25.13 0.49
N TRP B 167 -3.79 25.10 1.76
CA TRP B 167 -4.76 25.37 2.82
C TRP B 167 -4.44 26.71 3.48
N THR B 168 -5.47 27.54 3.70
CA THR B 168 -5.31 28.86 4.37
C THR B 168 -6.25 29.04 5.58
N TRP B 169 -5.74 29.78 6.57
CA TRP B 169 -6.56 30.08 7.73
C TRP B 169 -5.94 31.31 8.38
N THR B 170 -6.70 31.96 9.23
CA THR B 170 -6.24 33.12 9.98
C THR B 170 -6.12 32.78 11.48
N ASP B 171 -4.90 32.87 12.00
CA ASP B 171 -4.63 32.71 13.42
C ASP B 171 -4.30 34.13 13.98
N THR B 172 -3.73 34.19 15.19
CA THR B 172 -3.27 35.46 15.75
C THR B 172 -1.85 35.30 16.27
N ARG B 173 -1.11 36.41 16.30
CA ARG B 173 0.27 36.44 16.83
C ARG B 173 0.51 37.85 17.35
N ASN B 174 1.27 37.96 18.43
CA ASN B 174 1.20 39.15 19.27
C ASN B 174 -0.29 39.47 19.44
N GLY B 175 -0.75 40.66 19.07
CA GLY B 175 -2.18 40.95 19.18
C GLY B 175 -2.95 41.07 17.88
N LYS B 176 -2.40 40.50 16.81
CA LYS B 176 -2.85 40.77 15.46
C LYS B 176 -3.26 39.50 14.73
N PRO B 177 -4.14 39.63 13.74
CA PRO B 177 -4.40 38.54 12.80
C PRO B 177 -3.14 38.11 12.07
N VAL B 178 -3.02 36.81 11.81
CA VAL B 178 -1.98 36.29 10.91
C VAL B 178 -2.57 35.33 9.89
N ARG B 179 -2.56 35.73 8.63
CA ARG B 179 -3.06 34.89 7.54
C ARG B 179 -2.00 33.90 7.12
N ILE B 180 -2.19 32.64 7.53
CA ILE B 180 -1.27 31.54 7.23
C ILE B 180 -1.66 30.82 5.92
N ALA B 181 -0.68 30.68 5.03
CA ALA B 181 -0.85 29.90 3.80
C ALA B 181 0.08 28.68 3.82
N TYR B 182 -0.51 27.49 3.94
CA TYR B 182 0.26 26.26 3.79
C TYR B 182 0.13 25.86 2.32
N ALA B 183 1.11 26.26 1.52
CA ALA B 183 1.05 26.03 0.05
C ALA B 183 1.73 24.71 -0.29
N ASP B 184 1.13 23.94 -1.22
CA ASP B 184 1.71 22.63 -1.57
C ASP B 184 2.97 22.84 -2.42
N SER B 185 3.72 21.75 -2.61
CA SER B 185 4.90 21.74 -3.48
C SER B 185 4.56 22.13 -4.92
N LEU B 186 5.51 22.83 -5.55
CA LEU B 186 5.40 23.26 -6.95
C LEU B 186 6.57 22.71 -7.76
N SER B 187 7.38 21.53 -7.22
CA SER B 187 8.45 20.77 -7.81
C SER B 187 7.80 19.83 -8.82
N ALA B 188 8.63 19.33 -9.72
CA ALA B 188 8.27 18.27 -10.61
C ALA B 188 9.48 17.31 -10.72
N PRO B 189 9.85 16.64 -9.60
CA PRO B 189 11.09 15.86 -9.50
C PRO B 189 11.12 14.62 -10.44
N GLY B 190 11.93 14.69 -11.48
CA GLY B 190 12.04 13.58 -12.45
C GLY B 190 10.88 13.45 -13.42
N TYR B 191 9.97 14.42 -13.42
CA TYR B 191 8.74 14.33 -14.24
C TYR B 191 8.98 14.52 -15.74
N GLN B 192 8.28 13.77 -16.58
CA GLN B 192 8.12 14.15 -18.00
C GLN B 192 7.03 15.22 -18.07
N LEU B 193 7.41 16.43 -18.51
CA LEU B 193 6.47 17.57 -18.53
C LEU B 193 5.63 17.70 -19.80
N GLN B 194 6.28 17.53 -20.95
CA GLN B 194 5.66 17.74 -22.27
C GLN B 194 5.16 16.42 -22.83
N GLY B 195 3.96 16.44 -23.41
CA GLY B 195 3.34 15.24 -24.02
C GLY B 195 3.31 14.01 -23.14
N ASN B 196 3.11 14.19 -21.83
CA ASN B 196 2.99 13.08 -20.90
C ASN B 196 1.59 12.45 -21.08
N PRO B 197 1.54 11.18 -21.54
CA PRO B 197 0.19 10.63 -21.82
C PRO B 197 -0.71 10.46 -20.57
N ARG B 198 -0.10 10.35 -19.40
CA ARG B 198 -0.81 10.24 -18.10
C ARG B 198 -1.29 11.57 -17.54
N TYR B 199 -0.74 12.68 -18.05
CA TYR B 199 -1.10 14.01 -17.59
C TYR B 199 -0.94 14.98 -18.78
N PRO B 200 -1.82 14.86 -19.80
CA PRO B 200 -1.69 15.71 -21.00
C PRO B 200 -1.65 17.25 -20.72
N HIS B 201 -2.43 17.72 -19.74
CA HIS B 201 -2.48 19.14 -19.43
C HIS B 201 -1.71 19.46 -18.16
N LEU B 202 -0.51 18.89 -18.05
CA LEU B 202 0.38 19.13 -16.91
C LEU B 202 0.93 20.58 -16.89
N ILE B 203 1.44 21.04 -18.02
CA ILE B 203 2.02 22.40 -18.10
C ILE B 203 1.00 23.49 -17.81
N GLU B 204 -0.18 23.42 -18.44
CA GLU B 204 -1.25 24.37 -18.20
C GLU B 204 -1.66 24.40 -16.71
N ASP B 205 -1.76 23.23 -16.11
CA ASP B 205 -2.07 23.14 -14.68
C ASP B 205 -1.04 23.84 -13.78
N TYR B 206 0.24 23.55 -14.01
CA TYR B 206 1.30 24.21 -13.24
C TYR B 206 1.25 25.72 -13.36
N ARG B 207 1.11 26.24 -14.59
CA ARG B 207 1.06 27.70 -14.83
C ARG B 207 -0.07 28.32 -14.03
N ARG B 208 -1.24 27.70 -14.07
CA ARG B 208 -2.37 28.20 -13.31
C ARG B 208 -2.08 28.13 -11.80
N SER B 209 -1.32 27.10 -11.39
CA SER B 209 -1.00 26.90 -9.96
C SER B 209 -0.02 27.96 -9.43
N PHE B 210 0.96 28.35 -10.27
CA PHE B 210 1.82 29.49 -9.90
C PHE B 210 0.99 30.73 -9.59
N ALA B 211 -0.01 31.01 -10.42
CA ALA B 211 -0.86 32.18 -10.25
C ALA B 211 -1.74 32.10 -9.00
N THR B 212 -2.28 30.91 -8.73
CA THR B 212 -3.03 30.66 -7.50
C THR B 212 -2.18 30.93 -6.26
N VAL B 213 -0.96 30.40 -6.27
CA VAL B 213 -0.07 30.52 -5.12
C VAL B 213 0.31 31.99 -4.91
N ARG B 214 0.61 32.68 -6.01
CA ARG B 214 0.99 34.11 -6.02
C ARG B 214 -0.08 34.95 -5.31
N ALA B 215 -1.33 34.57 -5.50
CA ALA B 215 -2.46 35.36 -5.03
C ALA B 215 -3.04 34.95 -3.65
N LEU B 216 -2.50 33.92 -2.99
CA LEU B 216 -3.07 33.48 -1.70
C LEU B 216 -3.05 34.61 -0.63
N PRO B 217 -4.02 34.63 0.31
CA PRO B 217 -3.83 35.48 1.51
C PRO B 217 -2.65 34.88 2.30
N CYS B 218 -1.61 35.69 2.59
CA CYS B 218 -0.28 35.10 2.88
C CYS B 218 0.63 35.98 3.72
N ASP B 219 0.28 36.26 4.97
CA ASP B 219 1.24 36.91 5.88
C ASP B 219 2.43 35.99 6.18
N VAL B 220 2.15 34.68 6.24
CA VAL B 220 3.19 33.69 6.55
C VAL B 220 2.97 32.48 5.66
N LEU B 221 4.01 32.12 4.93
CA LEU B 221 3.97 30.94 4.07
C LEU B 221 4.67 29.77 4.77
N LEU B 222 4.06 28.57 4.69
CA LEU B 222 4.75 27.32 5.03
C LEU B 222 4.56 26.34 3.88
N THR B 223 5.46 25.36 3.77
CA THR B 223 5.37 24.35 2.74
C THR B 223 5.77 22.98 3.26
N PRO B 224 5.40 21.92 2.53
CA PRO B 224 5.58 20.55 3.00
C PRO B 224 7.06 20.20 3.17
N HIS B 225 7.90 20.69 2.26
CA HIS B 225 9.35 20.64 2.44
C HIS B 225 9.72 22.04 2.87
N PRO B 226 10.09 22.23 4.17
CA PRO B 226 10.29 23.59 4.68
C PRO B 226 11.37 24.39 3.91
N GLY B 227 12.37 23.68 3.36
CA GLY B 227 13.43 24.29 2.57
C GLY B 227 12.93 25.08 1.37
N ALA B 228 11.80 24.67 0.80
CA ALA B 228 11.24 25.28 -0.40
C ALA B 228 10.77 26.70 -0.12
N SER B 229 10.35 26.95 1.13
CA SER B 229 9.96 28.29 1.53
C SER B 229 11.02 28.99 2.44
N ASN B 230 12.22 28.41 2.50
CA ASN B 230 13.29 28.99 3.30
C ASN B 230 13.10 28.94 4.81
N TRP B 231 12.26 28.01 5.28
CA TRP B 231 12.14 27.76 6.70
C TRP B 231 13.31 26.87 7.13
N ASP B 232 13.74 27.06 8.38
CA ASP B 232 14.75 26.22 9.00
C ASP B 232 14.23 25.88 10.39
N TYR B 233 13.45 24.80 10.51
CA TYR B 233 12.80 24.45 11.77
C TYR B 233 13.79 24.21 12.94
N ALA B 234 15.01 23.81 12.62
CA ALA B 234 16.05 23.55 13.62
C ALA B 234 16.70 24.85 14.17
N ALA B 235 16.36 26.00 13.58
CA ALA B 235 16.98 27.28 13.97
C ALA B 235 16.27 28.04 15.10
N GLY B 236 15.39 27.37 15.85
CA GLY B 236 14.71 27.98 16.99
C GLY B 236 13.98 29.29 16.71
N ALA B 237 14.42 30.36 17.36
CA ALA B 237 13.80 31.70 17.21
C ALA B 237 13.98 32.39 15.85
N ARG B 238 14.96 31.97 15.06
CA ARG B 238 15.22 32.58 13.77
C ARG B 238 14.52 31.79 12.64
N ALA B 239 13.63 30.26 13.11
CA ALA B 239 13.23 29.25 12.13
C ALA B 239 12.62 29.89 10.90
N GLY B 240 11.79 30.91 11.12
CA GLY B 240 11.05 31.54 10.03
C GLY B 240 11.48 32.90 9.53
N ALA B 241 12.66 33.36 9.95
CA ALA B 241 13.14 34.71 9.63
C ALA B 241 13.27 34.93 8.11
N LYS B 242 13.89 33.96 7.43
CA LYS B 242 14.23 34.06 6.01
C LYS B 242 13.11 33.55 5.09
N ALA B 243 11.97 33.24 5.70
CA ALA B 243 10.83 32.67 4.97
C ALA B 243 10.41 33.55 3.79
N LEU B 244 10.23 32.90 2.64
CA LEU B 244 9.72 33.55 1.43
C LEU B 244 8.25 33.99 1.54
N THR B 245 7.87 35.02 0.79
CA THR B 245 6.45 35.36 0.54
C THR B 245 5.86 34.28 -0.41
N CYS B 246 4.53 34.15 -0.44
CA CYS B 246 3.89 33.31 -1.47
C CYS B 246 4.29 33.76 -2.90
N LYS B 247 4.33 35.08 -3.13
CA LYS B 247 4.74 35.67 -4.43
C LYS B 247 6.15 35.20 -4.84
N ALA B 248 7.11 35.23 -3.90
CA ALA B 248 8.48 34.80 -4.22
C ALA B 248 8.59 33.28 -4.37
N TYR B 249 7.82 32.54 -3.56
CA TYR B 249 7.84 31.08 -3.66
C TYR B 249 7.37 30.66 -5.07
N ALA B 250 6.26 31.25 -5.52
CA ALA B 250 5.68 30.99 -6.86
C ALA B 250 6.66 31.38 -7.98
N ASP B 251 7.32 32.51 -7.81
CA ASP B 251 8.23 32.99 -8.84
C ASP B 251 9.45 32.08 -9.00
N ALA B 252 10.05 31.66 -7.89
CA ALA B 252 11.19 30.72 -7.90
C ALA B 252 10.78 29.37 -8.52
N ALA B 253 9.56 28.94 -8.21
CA ALA B 253 9.08 27.64 -8.68
C ALA B 253 8.85 27.71 -10.19
N GLU B 254 8.31 28.82 -10.67
CA GLU B 254 8.12 29.04 -12.11
C GLU B 254 9.45 29.10 -12.88
N GLN B 255 10.42 29.85 -12.36
CA GLN B 255 11.76 29.92 -12.97
C GLN B 255 12.42 28.56 -13.06
N LYS B 256 12.36 27.79 -11.97
CA LYS B 256 12.91 26.44 -11.98
C LYS B 256 12.18 25.54 -13.01
N PHE B 257 10.85 25.64 -13.06
CA PHE B 257 10.00 24.87 -13.97
C PHE B 257 10.32 25.20 -15.45
N ASP B 258 10.35 26.49 -15.78
CA ASP B 258 10.72 26.97 -17.12
C ASP B 258 12.10 26.44 -17.54
N GLY B 259 13.03 26.38 -16.59
CA GLY B 259 14.36 25.80 -16.86
C GLY B 259 14.31 24.29 -17.06
N GLN B 260 13.47 23.60 -16.29
CA GLN B 260 13.30 22.15 -16.45
C GLN B 260 12.75 21.79 -17.84
N LEU B 261 11.78 22.58 -18.28
CA LEU B 261 11.13 22.44 -19.59
C LEU B 261 12.11 22.65 -20.76
N ALA B 262 12.98 23.65 -20.61
CA ALA B 262 13.99 23.93 -21.62
C ALA B 262 15.01 22.80 -21.71
N LYS B 263 15.44 22.27 -20.56
CA LYS B 263 16.36 21.13 -20.50
C LYS B 263 15.72 19.88 -21.10
N GLU B 264 14.41 19.73 -20.87
CA GLU B 264 13.67 18.58 -21.39
C GLU B 264 13.61 18.63 -22.91
N THR B 265 13.22 19.80 -23.45
CA THR B 265 13.24 20.08 -24.89
C THR B 265 14.61 19.76 -25.49
N ALA B 266 15.67 20.16 -24.79
CA ALA B 266 17.04 19.86 -25.22
C ALA B 266 17.32 18.35 -25.28
N GLY B 267 16.27 17.57 -25.06
CA GLY B 267 16.25 16.12 -25.24
C GLY B 267 17.08 15.47 -24.17
ZN ZN C . 1.16 -15.53 4.30
ZN ZN D . 3.66 -16.78 2.02
S SO4 E . -20.09 -19.31 -12.05
O1 SO4 E . -20.68 -18.82 -10.80
O2 SO4 E . -18.82 -18.65 -12.35
O3 SO4 E . -19.91 -20.77 -11.95
O4 SO4 E . -21.02 -19.03 -13.14
S SO4 F . -5.07 -42.28 9.18
O1 SO4 F . -4.42 -41.11 9.78
O2 SO4 F . -4.73 -42.30 7.75
O3 SO4 F . -4.62 -43.53 9.83
O4 SO4 F . -6.54 -42.23 9.29
C17 VII G . 7.56 -13.40 3.17
C16 VII G . 7.65 -12.11 2.64
C15 VII G . 6.53 -11.31 2.62
C14 VII G . 5.32 -11.76 3.14
C13 VII G . 5.22 -13.04 3.66
C12 VII G . 6.34 -13.86 3.69
C10 VII G . 6.32 -15.24 4.21
O11 VII G . 7.43 -16.03 4.22
C9 VII G . 5.22 -16.08 4.74
C18 VII G . 3.79 -15.72 4.84
O22 VII G . 3.28 -15.35 5.91
O23 VII G . 3.13 -15.82 3.76
C8 VII G . 5.82 -17.41 5.01
C19 VII G . 5.08 -18.57 5.57
O20 VII G . 5.68 -19.39 6.33
O21 VII G . 3.88 -18.67 5.28
C7 VII G . 7.25 -17.28 4.70
C1 VII G . 8.37 -18.24 4.74
C6 VII G . 8.18 -19.54 4.27
C5 VII G . 9.26 -20.42 4.25
C4 VII G . 10.51 -19.97 4.66
C3 VII G . 10.71 -18.66 5.11
C2 VII G . 9.63 -17.77 5.13
C1 PEG H . -8.45 0.64 5.56
O1 PEG H . -8.18 1.53 4.49
C2 PEG H . -9.66 1.08 6.39
O2 PEG H . -10.22 -0.06 7.03
C3 PEG H . -9.83 -0.20 8.42
C4 PEG H . -9.03 -1.47 8.66
O4 PEG H . -7.71 -1.14 9.13
C1 PEG I . -16.37 -16.85 -14.42
O1 PEG I . -17.73 -17.25 -14.62
C2 PEG I . -16.25 -15.34 -14.59
O2 PEG I . -14.99 -14.92 -14.05
C3 PEG I . -14.68 -13.53 -14.22
C4 PEG I . -15.53 -12.63 -13.30
O4 PEG I . -15.06 -12.53 -11.94
ZN ZN J . 5.19 14.92 -3.63
ZN ZN K . 7.34 15.68 -0.85
S SO4 L . -18.14 23.35 7.72
O1 SO4 L . -17.65 24.73 7.56
O2 SO4 L . -18.58 22.91 6.39
O3 SO4 L . -17.12 22.48 8.27
O4 SO4 L . -19.26 23.36 8.63
C17 VII M . 10.59 11.48 -1.34
C16 VII M . 10.29 10.23 -0.84
C15 VII M . 9.05 9.67 -1.07
C14 VII M . 8.07 10.38 -1.79
C13 VII M . 8.36 11.65 -2.29
C12 VII M . 9.63 12.19 -2.08
C10 VII M . 10.00 13.57 -2.53
O11 VII M . 11.26 14.10 -2.30
C9 VII M . 9.20 14.63 -3.19
C18 VII M . 7.79 14.59 -3.63
O22 VII M . 7.49 14.37 -4.81
O23 VII M . 6.91 14.80 -2.76
C8 VII M . 10.10 15.78 -3.32
C19 VII M . 9.73 17.08 -3.95
O20 VII M . 10.63 17.74 -4.50
O21 VII M . 8.55 17.46 -3.94
C7 VII M . 11.41 15.39 -2.76
C1 VII M . 12.68 16.15 -2.57
C6 VII M . 12.63 17.45 -2.06
C5 VII M . 13.81 18.16 -1.83
C4 VII M . 15.03 17.55 -2.08
C3 VII M . 15.10 16.24 -2.54
C2 VII M . 13.92 15.52 -2.78
C1 PEG N . -8.75 4.02 -8.59
O1 PEG N . -7.63 4.64 -7.94
C2 PEG N . -8.89 2.53 -8.27
O2 PEG N . -7.84 1.77 -8.89
C3 PEG N . -7.74 0.46 -8.31
C4 PEG N . -6.79 0.46 -7.11
O4 PEG N . -7.55 0.46 -5.89
C1 PEG O . -16.24 14.95 7.89
O1 PEG O . -16.80 13.70 8.34
C2 PEG O . -14.87 15.24 8.52
O2 PEG O . -14.91 16.46 9.28
C3 PEG O . -14.18 16.44 10.52
C4 PEG O . -14.56 17.62 11.42
O4 PEG O . -15.05 18.75 10.69
#